data_1OPX
#
_entry.id   1OPX
#
_cell.length_a   111.280
_cell.length_b   111.280
_cell.length_c   230.240
_cell.angle_alpha   90.00
_cell.angle_beta   90.00
_cell.angle_gamma   120.00
#
_symmetry.space_group_name_H-M   'P 63 2 2'
#
loop_
_entity.id
_entity.type
_entity.pdbx_description
1 polymer 'virB11 homolog'
2 non-polymer 'SULFATE ION'
3 non-polymer 'NONAETHYLENE GLYCOL'
4 water water
#
_entity_poly.entity_id   1
_entity_poly.type   'polypeptide(L)'
_entity_poly.pdbx_seq_one_letter_code
;MTEDRLSAEDKKFLEVERALKEAALNPLRHATEELFGDFLK(MSE)ENITEICYNGNKVVWVLKNNGEWQPFDVRDRKAF
SLSRL(MSE)HFARCCASFKKKTIDNYENPILSSNLANGERVQIVLSPVTVNDETISISIRIPSKTTYPHSFFEEQGFYN
LLDNKEQAISAIKDGIAIGKNVIVCGGTGSGKTTYIKSI(MSE)EFIPKEERIISIEDTEEIVFKHHKNYTQLFFGGNIT
SADCLKSCLR(MSE)RPDRIILGELRSSEAYDFYNVLCSGHKGTLTTLHAGSSEEAFIRLAN(MSE)SSSNSAARNIKFE
SLIEGFKDLID(MSE)IVHINHHKQCDEFYIKHR
;
_entity_poly.pdbx_strand_id   A,B
#
# COMPACT_ATOMS: atom_id res chain seq x y z
N LEU A 6 24.03 16.43 12.86
CA LEU A 6 22.56 16.64 12.73
C LEU A 6 21.87 16.13 14.00
N SER A 7 22.46 15.10 14.61
CA SER A 7 21.93 14.49 15.82
C SER A 7 21.67 15.53 16.89
N ALA A 8 22.47 16.57 16.92
CA ALA A 8 22.28 17.62 17.91
C ALA A 8 21.02 18.44 17.62
N GLU A 9 20.84 18.80 16.36
CA GLU A 9 19.69 19.59 15.94
C GLU A 9 18.43 18.75 15.97
N ASP A 10 18.58 17.47 15.64
CA ASP A 10 17.46 16.55 15.62
C ASP A 10 16.94 16.27 17.03
N LYS A 11 17.84 16.24 18.01
CA LYS A 11 17.49 15.97 19.41
C LYS A 11 16.59 17.08 19.96
N LYS A 12 17.01 18.32 19.81
CA LYS A 12 16.22 19.44 20.29
C LYS A 12 14.85 19.44 19.61
N PHE A 13 14.83 19.03 18.35
CA PHE A 13 13.60 18.97 17.55
C PHE A 13 12.64 17.92 18.07
N LEU A 14 13.16 16.77 18.47
CA LEU A 14 12.31 15.70 18.98
C LEU A 14 11.96 15.90 20.46
N GLU A 15 12.85 16.55 21.17
CA GLU A 15 12.70 16.82 22.58
C GLU A 15 11.29 16.93 23.13
N VAL A 16 10.43 17.67 22.44
CA VAL A 16 9.05 17.87 22.92
C VAL A 16 8.07 16.69 22.77
N GLU A 17 8.21 15.92 21.71
CA GLU A 17 7.34 14.77 21.52
C GLU A 17 7.81 13.64 22.43
N ARG A 18 9.12 13.44 22.51
CA ARG A 18 9.67 12.40 23.34
C ARG A 18 9.27 12.56 24.79
N ALA A 19 9.37 13.78 25.31
CA ALA A 19 8.98 14.04 26.70
C ALA A 19 7.54 13.59 26.88
N LEU A 20 6.71 13.95 25.91
CA LEU A 20 5.29 13.60 25.89
C LEU A 20 5.11 12.10 25.92
N LYS A 21 5.74 11.41 24.97
CA LYS A 21 5.65 9.96 24.91
C LYS A 21 6.30 9.26 26.11
N GLU A 22 7.56 9.59 26.39
CA GLU A 22 8.31 8.98 27.50
C GLU A 22 7.83 9.42 28.86
N ALA A 23 6.54 9.78 28.93
CA ALA A 23 5.93 10.22 30.18
C ALA A 23 4.86 9.21 30.54
N ALA A 24 4.49 8.43 29.54
CA ALA A 24 3.48 7.38 29.65
C ALA A 24 4.21 6.06 29.43
N LEU A 25 5.37 6.16 28.79
CA LEU A 25 6.16 4.97 28.48
C LEU A 25 7.14 4.61 29.60
N ASN A 26 7.62 5.58 30.35
CA ASN A 26 8.52 5.21 31.43
C ASN A 26 7.67 4.50 32.50
N PRO A 27 6.52 5.10 32.86
CA PRO A 27 5.65 4.49 33.87
C PRO A 27 5.30 3.06 33.47
N LEU A 28 4.96 2.88 32.20
CA LEU A 28 4.58 1.57 31.72
C LEU A 28 5.71 0.56 31.75
N ARG A 29 6.94 1.02 31.59
CA ARG A 29 8.08 0.11 31.58
C ARG A 29 8.32 -0.52 32.95
N HIS A 30 8.20 0.29 33.99
CA HIS A 30 8.41 -0.17 35.35
C HIS A 30 7.29 -1.12 35.72
N ALA A 31 6.05 -0.77 35.39
CA ALA A 31 4.96 -1.67 35.71
C ALA A 31 5.27 -3.00 35.03
N THR A 32 5.57 -2.95 33.73
CA THR A 32 5.89 -4.15 32.96
C THR A 32 7.02 -4.95 33.61
N GLU A 33 8.05 -4.23 34.02
CA GLU A 33 9.20 -4.84 34.67
C GLU A 33 8.82 -5.49 35.98
N GLU A 34 8.10 -4.74 36.81
CA GLU A 34 7.67 -5.19 38.13
C GLU A 34 6.80 -6.44 38.13
N LEU A 35 5.90 -6.56 37.16
CA LEU A 35 5.02 -7.72 37.09
C LEU A 35 5.51 -8.91 36.27
N PHE A 36 5.62 -8.70 34.96
CA PHE A 36 6.00 -9.74 34.03
C PHE A 36 7.46 -9.75 33.63
N GLY A 37 8.29 -9.05 34.38
CA GLY A 37 9.70 -9.03 34.03
C GLY A 37 10.31 -10.41 33.82
N ASP A 38 10.37 -11.19 34.89
CA ASP A 38 10.95 -12.53 34.88
C ASP A 38 10.42 -13.29 33.69
N PHE A 39 9.10 -13.29 33.58
CA PHE A 39 8.40 -13.98 32.52
C PHE A 39 8.80 -13.58 31.11
N LEU A 40 8.94 -12.28 30.87
CA LEU A 40 9.30 -11.81 29.54
C LEU A 40 10.71 -12.23 29.17
N LYS A 41 11.50 -12.62 30.15
CA LYS A 41 12.88 -13.04 29.88
C LYS A 41 13.05 -14.55 29.64
N GLU A 43 13.03 -17.94 27.70
CA GLU A 43 13.22 -18.28 26.30
C GLU A 43 12.15 -19.22 25.74
N ASN A 44 11.92 -19.11 24.44
CA ASN A 44 10.93 -19.93 23.75
C ASN A 44 9.56 -19.99 24.42
N ILE A 45 8.87 -18.85 24.44
CA ILE A 45 7.54 -18.76 25.00
C ILE A 45 6.74 -17.98 23.94
N THR A 46 5.45 -18.29 23.83
CA THR A 46 4.60 -17.67 22.83
C THR A 46 3.47 -16.83 23.41
N GLU A 47 3.26 -16.89 24.72
CA GLU A 47 2.18 -16.12 25.31
C GLU A 47 2.33 -16.18 26.82
N ILE A 48 2.06 -15.06 27.48
CA ILE A 48 2.12 -14.93 28.92
C ILE A 48 0.71 -14.55 29.33
N CYS A 49 0.04 -15.47 29.99
CA CYS A 49 -1.33 -15.21 30.43
C CYS A 49 -1.45 -15.08 31.95
N TYR A 50 -2.37 -14.24 32.38
CA TYR A 50 -2.62 -14.11 33.79
C TYR A 50 -4.13 -14.15 33.89
N ASN A 51 -4.64 -15.03 34.76
CA ASN A 51 -6.07 -15.22 34.85
C ASN A 51 -6.70 -14.66 36.14
N GLY A 52 -6.04 -13.65 36.70
CA GLY A 52 -6.51 -13.00 37.91
C GLY A 52 -6.64 -13.93 39.10
N ASN A 53 -5.82 -14.98 39.13
CA ASN A 53 -5.90 -15.95 40.19
C ASN A 53 -4.56 -16.23 40.87
N LYS A 54 -3.68 -15.23 40.94
CA LYS A 54 -2.37 -15.37 41.60
C LYS A 54 -1.43 -16.38 40.92
N VAL A 55 -1.74 -16.71 39.67
CA VAL A 55 -0.93 -17.64 38.91
C VAL A 55 -0.75 -17.15 37.49
N VAL A 56 0.51 -17.14 37.06
CA VAL A 56 0.87 -16.73 35.72
C VAL A 56 1.12 -17.99 34.88
N TRP A 57 0.37 -18.10 33.79
CA TRP A 57 0.46 -19.22 32.87
C TRP A 57 1.27 -18.84 31.66
N VAL A 58 2.34 -19.59 31.41
CA VAL A 58 3.18 -19.28 30.28
C VAL A 58 3.17 -20.41 29.25
N LEU A 59 2.93 -20.06 27.98
CA LEU A 59 2.89 -21.03 26.89
C LEU A 59 4.23 -21.08 26.18
N LYS A 60 4.75 -22.30 26.11
CA LYS A 60 6.02 -22.57 25.49
C LYS A 60 5.85 -22.92 24.03
N ASN A 61 6.90 -22.67 23.27
CA ASN A 61 6.91 -22.96 21.85
C ASN A 61 6.55 -24.40 21.56
N ASN A 62 6.81 -25.26 22.54
CA ASN A 62 6.51 -26.68 22.43
C ASN A 62 5.05 -26.98 22.76
N GLY A 63 4.20 -25.97 22.69
CA GLY A 63 2.77 -26.13 22.96
C GLY A 63 2.36 -26.50 24.38
N GLU A 64 3.30 -26.40 25.30
CA GLU A 64 3.06 -26.72 26.71
C GLU A 64 2.70 -25.49 27.53
N TRP A 65 1.77 -25.66 28.49
CA TRP A 65 1.37 -24.58 29.39
C TRP A 65 2.07 -24.79 30.73
N GLN A 66 2.80 -23.78 31.21
CA GLN A 66 3.50 -23.88 32.47
C GLN A 66 2.98 -22.78 33.39
N PRO A 67 2.57 -23.14 34.62
CA PRO A 67 2.04 -22.14 35.56
C PRO A 67 3.04 -21.68 36.60
N PHE A 68 2.90 -20.43 37.05
CA PHE A 68 3.80 -19.90 38.06
C PHE A 68 3.09 -19.20 39.20
N ASP A 69 3.44 -19.60 40.43
CA ASP A 69 2.87 -19.06 41.67
C ASP A 69 3.35 -17.63 42.01
N VAL A 70 2.43 -16.67 42.03
CA VAL A 70 2.78 -15.30 42.34
C VAL A 70 2.01 -14.76 43.56
N ARG A 71 1.42 -15.65 44.34
CA ARG A 71 0.65 -15.26 45.53
C ARG A 71 1.39 -14.29 46.45
N ASP A 72 2.71 -14.42 46.51
CA ASP A 72 3.55 -13.59 47.37
C ASP A 72 4.32 -12.48 46.67
N ARG A 73 3.65 -11.72 45.80
CA ARG A 73 4.34 -10.63 45.11
C ARG A 73 3.47 -9.39 45.17
N LYS A 74 4.08 -8.26 45.55
CA LYS A 74 3.37 -7.00 45.65
C LYS A 74 2.81 -6.68 44.26
N ALA A 75 3.64 -6.86 43.23
CA ALA A 75 3.25 -6.59 41.85
C ALA A 75 1.87 -7.12 41.46
N PHE A 76 1.45 -8.23 42.05
CA PHE A 76 0.17 -8.80 41.71
C PHE A 76 -0.92 -8.52 42.73
N SER A 77 -1.14 -7.23 42.98
CA SER A 77 -2.16 -6.71 43.89
C SER A 77 -3.06 -5.83 43.05
N LEU A 78 -4.36 -5.91 43.29
CA LEU A 78 -5.31 -5.13 42.54
C LEU A 78 -4.77 -3.74 42.22
N SER A 79 -4.25 -3.06 43.23
CA SER A 79 -3.71 -1.72 43.02
C SER A 79 -2.55 -1.74 42.04
N ARG A 80 -1.68 -2.74 42.17
CA ARG A 80 -0.50 -2.91 41.31
C ARG A 80 -0.89 -3.33 39.90
N LEU A 81 -1.88 -4.20 39.79
CA LEU A 81 -2.34 -4.66 38.50
C LEU A 81 -3.08 -3.56 37.76
N HIS A 83 -2.83 -0.27 38.07
CA HIS A 83 -1.90 0.75 37.65
C HIS A 83 -1.23 0.31 36.33
N PHE A 84 -0.91 -0.98 36.24
CA PHE A 84 -0.29 -1.50 35.04
C PHE A 84 -1.28 -1.36 33.92
N ALA A 85 -2.50 -1.81 34.17
CA ALA A 85 -3.54 -1.74 33.17
C ALA A 85 -3.70 -0.31 32.64
N ARG A 86 -3.88 0.67 33.53
CA ARG A 86 -4.04 2.04 33.08
C ARG A 86 -2.81 2.47 32.29
N CYS A 87 -1.63 2.02 32.73
CA CYS A 87 -0.42 2.39 32.03
C CYS A 87 -0.51 1.97 30.56
N CYS A 88 -1.03 0.76 30.30
CA CYS A 88 -1.20 0.30 28.92
C CYS A 88 -2.22 1.14 28.15
N ALA A 89 -3.33 1.45 28.81
CA ALA A 89 -4.38 2.24 28.20
C ALA A 89 -3.83 3.56 27.68
N SER A 90 -3.42 4.44 28.60
CA SER A 90 -2.88 5.74 28.23
C SER A 90 -1.78 5.64 27.19
N PHE A 91 -0.93 4.63 27.31
CA PHE A 91 0.15 4.47 26.34
C PHE A 91 -0.36 4.45 24.90
N LYS A 92 -1.47 3.76 24.66
CA LYS A 92 -2.08 3.69 23.32
C LYS A 92 -3.23 4.69 23.19
N LYS A 93 -3.26 5.68 24.08
CA LYS A 93 -4.30 6.69 24.06
C LYS A 93 -5.66 5.99 24.12
N LYS A 94 -5.93 5.35 25.26
CA LYS A 94 -7.17 4.62 25.53
C LYS A 94 -7.48 4.67 27.02
N THR A 95 -8.62 4.12 27.40
CA THR A 95 -9.03 4.11 28.79
C THR A 95 -9.53 2.71 29.16
N ILE A 96 -9.21 2.29 30.38
CA ILE A 96 -9.67 1.00 30.85
C ILE A 96 -10.34 1.26 32.19
N ASP A 97 -11.55 0.74 32.36
CA ASP A 97 -12.27 0.95 33.59
C ASP A 97 -13.25 -0.19 33.84
N ASN A 98 -14.09 -0.02 34.87
CA ASN A 98 -15.07 -1.02 35.24
C ASN A 98 -16.46 -0.65 34.71
N TYR A 99 -16.49 0.27 33.75
CA TYR A 99 -17.76 0.69 33.21
C TYR A 99 -17.81 0.61 31.67
N GLU A 100 -17.52 1.71 30.99
CA GLU A 100 -17.58 1.70 29.54
C GLU A 100 -16.34 1.17 28.83
N ASN A 101 -15.31 0.76 29.57
CA ASN A 101 -14.10 0.29 28.89
C ASN A 101 -13.39 -0.80 29.68
N PRO A 102 -14.08 -1.90 29.98
CA PRO A 102 -13.47 -2.98 30.75
C PRO A 102 -12.51 -3.85 29.94
N ILE A 103 -12.70 -3.89 28.63
CA ILE A 103 -11.87 -4.71 27.77
C ILE A 103 -10.84 -3.81 27.12
N LEU A 104 -9.57 -4.24 27.08
CA LEU A 104 -8.55 -3.41 26.48
C LEU A 104 -7.59 -4.19 25.59
N SER A 105 -7.12 -3.50 24.56
CA SER A 105 -6.17 -4.03 23.58
C SER A 105 -5.11 -2.93 23.48
N SER A 106 -3.90 -3.24 23.92
CA SER A 106 -2.84 -2.24 23.85
C SER A 106 -1.52 -2.95 23.63
N ASN A 107 -0.42 -2.27 23.90
CA ASN A 107 0.88 -2.88 23.67
C ASN A 107 1.83 -2.52 24.78
N LEU A 108 2.95 -3.21 24.83
CA LEU A 108 3.95 -2.96 25.84
C LEU A 108 4.93 -1.93 25.25
N ALA A 109 5.95 -1.57 26.01
CA ALA A 109 6.93 -0.61 25.52
C ALA A 109 7.59 -1.14 24.26
N ASN A 110 7.83 -2.44 24.21
CA ASN A 110 8.47 -3.04 23.05
C ASN A 110 7.51 -3.36 21.89
N GLY A 111 6.21 -3.20 22.13
CA GLY A 111 5.24 -3.45 21.07
C GLY A 111 4.42 -4.71 21.14
N GLU A 112 4.69 -5.58 22.11
CA GLU A 112 3.94 -6.84 22.19
C GLU A 112 2.47 -6.62 22.53
N ARG A 113 1.61 -7.31 21.79
CA ARG A 113 0.17 -7.21 21.97
C ARG A 113 -0.27 -7.58 23.39
N VAL A 114 -1.14 -6.76 23.96
CA VAL A 114 -1.66 -6.96 25.32
C VAL A 114 -3.19 -6.84 25.37
N GLN A 115 -3.83 -7.86 25.93
CA GLN A 115 -5.28 -7.94 26.06
C GLN A 115 -5.68 -7.98 27.54
N ILE A 116 -6.27 -6.90 28.04
CA ILE A 116 -6.68 -6.87 29.43
C ILE A 116 -8.17 -6.83 29.64
N VAL A 117 -8.66 -7.63 30.58
CA VAL A 117 -10.07 -7.63 30.86
C VAL A 117 -10.32 -7.43 32.36
N LEU A 118 -11.22 -6.50 32.68
CA LEU A 118 -11.56 -6.15 34.05
C LEU A 118 -13.04 -6.45 34.33
N SER A 119 -13.43 -6.31 35.60
CA SER A 119 -14.80 -6.54 36.02
C SER A 119 -15.47 -5.29 35.48
N PRO A 120 -16.79 -5.38 35.15
CA PRO A 120 -17.70 -6.52 35.29
C PRO A 120 -17.55 -7.67 34.31
N VAL A 121 -16.82 -7.48 33.20
CA VAL A 121 -16.66 -8.55 32.20
C VAL A 121 -16.02 -9.83 32.76
N THR A 122 -15.22 -9.72 33.81
CA THR A 122 -14.62 -10.89 34.39
C THR A 122 -15.56 -11.40 35.48
N VAL A 123 -15.35 -12.63 35.93
CA VAL A 123 -16.20 -13.25 36.94
C VAL A 123 -16.44 -12.40 38.20
N ASN A 124 -15.41 -11.79 38.76
CA ASN A 124 -15.58 -10.93 39.94
C ASN A 124 -14.68 -9.68 39.94
N ASP A 125 -14.64 -8.94 41.05
CA ASP A 125 -13.83 -7.73 41.11
C ASP A 125 -12.37 -7.93 41.47
N GLU A 126 -12.00 -9.14 41.84
CA GLU A 126 -10.61 -9.48 42.19
C GLU A 126 -9.96 -10.22 41.02
N THR A 127 -10.63 -10.16 39.87
CA THR A 127 -10.12 -10.81 38.69
C THR A 127 -9.73 -9.78 37.64
N ILE A 128 -8.53 -9.94 37.14
CA ILE A 128 -7.99 -9.06 36.13
C ILE A 128 -7.25 -9.93 35.14
N SER A 129 -7.89 -10.18 34.01
CA SER A 129 -7.33 -11.02 32.96
C SER A 129 -6.31 -10.29 32.08
N ILE A 130 -5.17 -10.92 31.87
CA ILE A 130 -4.10 -10.35 31.06
C ILE A 130 -3.50 -11.41 30.14
N SER A 131 -3.31 -11.05 28.87
CA SER A 131 -2.75 -11.95 27.85
C SER A 131 -1.70 -11.27 26.98
N ILE A 132 -0.45 -11.62 27.18
CA ILE A 132 0.60 -11.00 26.41
C ILE A 132 1.07 -11.92 25.30
N ARG A 133 1.16 -11.36 24.09
CA ARG A 133 1.55 -12.14 22.95
C ARG A 133 3.01 -11.87 22.62
N ILE A 134 3.81 -12.93 22.76
CA ILE A 134 5.26 -12.89 22.51
C ILE A 134 5.52 -13.08 21.02
N PRO A 135 6.06 -12.04 20.37
CA PRO A 135 6.27 -12.23 18.95
C PRO A 135 7.46 -13.12 18.67
N SER A 136 7.70 -14.14 19.51
CA SER A 136 8.88 -14.99 19.36
C SER A 136 9.93 -14.28 18.50
N LYS A 137 10.77 -13.54 19.18
CA LYS A 137 11.83 -12.76 18.59
C LYS A 137 13.02 -13.58 18.10
N THR A 138 13.11 -13.83 16.80
CA THR A 138 14.22 -14.59 16.20
C THR A 138 13.93 -14.74 14.70
N THR A 139 14.97 -14.82 13.88
CA THR A 139 14.78 -14.96 12.43
C THR A 139 15.54 -16.17 11.90
N TYR A 140 14.95 -17.35 12.06
CA TYR A 140 15.59 -18.58 11.62
C TYR A 140 15.65 -18.66 10.10
N PRO A 141 16.75 -19.21 9.55
CA PRO A 141 16.90 -19.33 8.10
C PRO A 141 15.91 -20.35 7.54
N HIS A 142 15.54 -20.22 6.27
CA HIS A 142 14.59 -21.15 5.70
C HIS A 142 15.11 -22.58 5.78
N SER A 143 16.41 -22.74 5.54
CA SER A 143 17.01 -24.08 5.59
C SER A 143 16.67 -24.75 6.90
N PHE A 144 16.68 -23.97 7.98
CA PHE A 144 16.36 -24.48 9.30
C PHE A 144 14.99 -25.14 9.35
N PHE A 145 14.07 -24.60 8.56
CA PHE A 145 12.68 -25.10 8.47
C PHE A 145 12.65 -26.49 7.85
N GLU A 146 13.48 -26.66 6.83
CA GLU A 146 13.60 -27.93 6.13
C GLU A 146 14.26 -28.95 7.05
N GLU A 147 15.36 -28.54 7.68
CA GLU A 147 16.08 -29.42 8.59
C GLU A 147 15.15 -29.92 9.67
N GLN A 148 14.17 -29.11 10.05
CA GLN A 148 13.22 -29.50 11.08
C GLN A 148 11.97 -30.17 10.52
N GLY A 149 11.93 -30.41 9.21
CA GLY A 149 10.78 -31.05 8.58
C GLY A 149 9.49 -30.27 8.50
N PHE A 150 9.60 -28.98 8.19
CA PHE A 150 8.42 -28.13 8.08
C PHE A 150 7.59 -28.64 6.94
N TYR A 151 8.25 -29.32 5.99
CA TYR A 151 7.57 -29.84 4.81
C TYR A 151 7.42 -31.36 4.81
N ASN A 152 7.90 -32.03 5.85
CA ASN A 152 7.82 -33.49 5.88
C ASN A 152 6.46 -34.15 5.70
N LEU A 153 5.36 -33.47 5.99
CA LEU A 153 4.06 -34.11 5.82
C LEU A 153 3.58 -34.08 4.37
N LEU A 154 4.24 -33.29 3.54
CA LEU A 154 3.83 -33.16 2.14
C LEU A 154 4.29 -34.31 1.27
N ASP A 155 3.42 -34.69 0.34
CA ASP A 155 3.69 -35.75 -0.62
C ASP A 155 4.48 -35.16 -1.79
N ASN A 156 4.36 -33.85 -1.93
CA ASN A 156 5.06 -33.10 -2.96
C ASN A 156 6.12 -32.27 -2.24
N LYS A 157 6.92 -32.92 -1.39
CA LYS A 157 7.94 -32.20 -0.63
C LYS A 157 8.90 -31.40 -1.50
N GLU A 158 9.72 -32.08 -2.29
CA GLU A 158 10.67 -31.40 -3.14
C GLU A 158 10.01 -30.30 -3.97
N GLN A 159 8.86 -30.64 -4.53
CA GLN A 159 8.10 -29.70 -5.36
C GLN A 159 7.81 -28.43 -4.59
N ALA A 160 7.19 -28.62 -3.44
CA ALA A 160 6.83 -27.52 -2.57
C ALA A 160 8.02 -26.66 -2.16
N ILE A 161 9.09 -27.30 -1.70
CA ILE A 161 10.28 -26.56 -1.29
C ILE A 161 10.91 -25.76 -2.42
N SER A 162 10.69 -26.18 -3.66
CA SER A 162 11.23 -25.48 -4.81
C SER A 162 10.29 -24.39 -5.24
N ALA A 163 9.00 -24.69 -5.16
CA ALA A 163 7.97 -23.75 -5.53
C ALA A 163 8.05 -22.51 -4.65
N ILE A 164 8.27 -22.71 -3.36
CA ILE A 164 8.34 -21.59 -2.44
C ILE A 164 9.58 -20.75 -2.70
N LYS A 165 10.69 -21.41 -3.03
CA LYS A 165 11.94 -20.70 -3.31
C LYS A 165 11.84 -19.92 -4.60
N ASP A 166 11.54 -20.61 -5.70
CA ASP A 166 11.42 -20.00 -7.02
C ASP A 166 10.21 -19.08 -7.12
N GLY A 167 9.05 -19.57 -6.73
CA GLY A 167 7.85 -18.76 -6.79
C GLY A 167 8.12 -17.37 -6.23
N ILE A 168 8.46 -17.32 -4.96
CA ILE A 168 8.75 -16.06 -4.29
C ILE A 168 9.82 -15.22 -5.00
N ALA A 169 10.81 -15.90 -5.58
CA ALA A 169 11.88 -15.19 -6.27
C ALA A 169 11.34 -14.50 -7.53
N ILE A 170 10.29 -15.07 -8.13
CA ILE A 170 9.68 -14.51 -9.34
C ILE A 170 8.52 -13.54 -9.08
N GLY A 171 8.15 -13.40 -7.81
CA GLY A 171 7.09 -12.47 -7.44
C GLY A 171 5.66 -12.96 -7.45
N LYS A 172 5.45 -14.20 -7.07
CA LYS A 172 4.09 -14.68 -7.06
C LYS A 172 3.40 -14.20 -5.78
N ASN A 173 2.08 -14.18 -5.80
CA ASN A 173 1.32 -13.76 -4.63
C ASN A 173 1.15 -15.00 -3.76
N VAL A 174 1.75 -14.97 -2.58
CA VAL A 174 1.68 -16.08 -1.64
C VAL A 174 0.92 -15.72 -0.38
N ILE A 175 0.13 -16.67 0.11
CA ILE A 175 -0.63 -16.50 1.33
C ILE A 175 -0.28 -17.63 2.29
N VAL A 176 0.14 -17.25 3.48
CA VAL A 176 0.51 -18.20 4.52
C VAL A 176 -0.63 -18.13 5.53
N CYS A 177 -1.21 -19.29 5.85
CA CYS A 177 -2.31 -19.32 6.79
C CYS A 177 -2.22 -20.45 7.81
N GLY A 178 -3.00 -20.29 8.88
CA GLY A 178 -3.02 -21.27 9.94
C GLY A 178 -3.55 -20.59 11.18
N GLY A 179 -3.52 -21.30 12.30
CA GLY A 179 -4.00 -20.74 13.56
C GLY A 179 -2.98 -19.92 14.33
N THR A 180 -3.47 -19.14 15.27
CA THR A 180 -2.62 -18.30 16.09
C THR A 180 -1.41 -19.02 16.69
N GLY A 181 -0.22 -18.65 16.25
CA GLY A 181 0.96 -19.27 16.82
C GLY A 181 1.41 -20.49 16.09
N SER A 182 1.08 -20.59 14.82
CA SER A 182 1.51 -21.73 14.02
C SER A 182 2.83 -21.38 13.34
N GLY A 183 3.39 -20.23 13.71
CA GLY A 183 4.65 -19.81 13.14
C GLY A 183 4.52 -19.25 11.72
N LYS A 184 3.40 -18.57 11.46
CA LYS A 184 3.16 -17.99 10.15
C LYS A 184 4.17 -16.87 9.89
N THR A 185 4.20 -15.89 10.80
CA THR A 185 5.10 -14.76 10.70
C THR A 185 6.52 -15.30 10.55
N THR A 186 6.92 -16.15 11.48
CA THR A 186 8.24 -16.74 11.43
C THR A 186 8.55 -17.28 10.05
N TYR A 187 7.64 -18.10 9.52
CA TYR A 187 7.84 -18.68 8.21
C TYR A 187 8.10 -17.60 7.14
N ILE A 188 7.20 -16.62 7.00
CA ILE A 188 7.37 -15.57 5.99
C ILE A 188 8.69 -14.82 6.15
N LYS A 189 9.08 -14.55 7.40
CA LYS A 189 10.35 -13.86 7.64
C LYS A 189 11.51 -14.64 7.02
N SER A 190 11.46 -15.97 7.14
CA SER A 190 12.51 -16.82 6.60
C SER A 190 12.48 -16.94 5.07
N ILE A 191 11.28 -17.12 4.51
CA ILE A 191 11.20 -17.25 3.07
C ILE A 191 11.51 -15.95 2.31
N GLU A 193 14.26 -14.59 2.20
CA GLU A 193 15.63 -14.67 1.75
C GLU A 193 15.68 -14.79 0.24
N PHE A 194 14.54 -15.16 -0.32
CA PHE A 194 14.45 -15.40 -1.74
C PHE A 194 13.97 -14.24 -2.61
N ILE A 195 13.69 -13.10 -2.01
CA ILE A 195 13.28 -11.93 -2.77
C ILE A 195 14.59 -11.25 -3.16
N PRO A 196 14.85 -11.06 -4.47
CA PRO A 196 16.08 -10.41 -4.95
C PRO A 196 16.38 -9.20 -4.09
N LYS A 197 17.60 -9.12 -3.54
CA LYS A 197 17.96 -8.01 -2.67
C LYS A 197 17.79 -6.61 -3.25
N GLU A 198 17.55 -6.54 -4.54
CA GLU A 198 17.36 -5.26 -5.22
C GLU A 198 15.92 -4.79 -5.12
N GLU A 199 15.04 -5.67 -4.65
CA GLU A 199 13.64 -5.34 -4.54
C GLU A 199 13.35 -4.39 -3.39
N ARG A 200 12.49 -3.43 -3.67
CA ARG A 200 12.06 -2.47 -2.68
C ARG A 200 10.85 -3.15 -2.05
N ILE A 201 10.83 -3.17 -0.72
CA ILE A 201 9.75 -3.83 0.00
C ILE A 201 9.10 -2.87 0.99
N ILE A 202 7.78 -2.93 1.04
CA ILE A 202 7.05 -2.13 1.99
C ILE A 202 6.28 -3.15 2.81
N SER A 203 6.38 -3.02 4.13
CA SER A 203 5.70 -3.95 5.00
C SER A 203 4.64 -3.23 5.82
N ILE A 204 3.45 -3.82 5.87
CA ILE A 204 2.34 -3.24 6.61
C ILE A 204 2.05 -4.20 7.76
N GLU A 205 2.37 -3.77 8.98
CA GLU A 205 2.14 -4.59 10.15
C GLU A 205 1.32 -3.88 11.20
N ASP A 206 1.07 -4.64 12.24
CA ASP A 206 0.30 -4.24 13.40
C ASP A 206 1.26 -3.86 14.52
N THR A 207 2.41 -4.53 14.53
CA THR A 207 3.48 -4.32 15.51
C THR A 207 4.74 -4.69 14.75
N GLU A 208 5.85 -4.01 15.02
CA GLU A 208 7.09 -4.34 14.32
C GLU A 208 7.42 -5.79 14.63
N GLU A 209 7.67 -6.58 13.58
CA GLU A 209 7.99 -7.99 13.73
C GLU A 209 8.90 -8.51 12.62
N ILE A 210 8.58 -8.16 11.38
CA ILE A 210 9.42 -8.61 10.27
C ILE A 210 10.75 -7.89 10.38
N VAL A 211 11.81 -8.58 10.00
CA VAL A 211 13.16 -8.00 10.02
C VAL A 211 13.73 -8.10 8.60
N PHE A 212 14.42 -7.05 8.18
CA PHE A 212 14.99 -7.02 6.86
C PHE A 212 16.48 -7.34 6.89
N LYS A 213 16.79 -8.63 6.95
CA LYS A 213 18.18 -9.08 7.02
C LYS A 213 18.90 -9.01 5.69
N HIS A 214 18.17 -9.20 4.61
CA HIS A 214 18.75 -9.22 3.26
C HIS A 214 18.38 -8.03 2.38
N HIS A 215 17.63 -7.07 2.90
CA HIS A 215 17.25 -5.95 2.06
C HIS A 215 17.55 -4.60 2.67
N LYS A 216 18.04 -3.70 1.82
CA LYS A 216 18.40 -2.37 2.27
C LYS A 216 17.32 -1.35 1.96
N ASN A 217 16.79 -1.39 0.75
CA ASN A 217 15.76 -0.46 0.33
C ASN A 217 14.39 -0.93 0.73
N TYR A 218 13.78 -0.27 1.69
CA TYR A 218 12.45 -0.68 2.17
C TYR A 218 11.88 0.35 3.13
N THR A 219 10.66 0.07 3.59
CA THR A 219 9.95 0.95 4.50
C THR A 219 8.86 0.15 5.21
N GLN A 220 8.68 0.45 6.49
CA GLN A 220 7.68 -0.24 7.28
C GLN A 220 6.57 0.71 7.65
N LEU A 221 5.35 0.23 7.48
CA LEU A 221 4.14 0.99 7.80
C LEU A 221 3.45 0.25 8.91
N PHE A 222 2.85 0.99 9.83
CA PHE A 222 2.13 0.37 10.94
C PHE A 222 0.77 1.03 11.11
N PHE A 223 -0.28 0.22 11.15
CA PHE A 223 -1.62 0.77 11.36
C PHE A 223 -1.98 0.62 12.84
N GLY A 224 -2.86 1.50 13.30
CA GLY A 224 -3.24 1.47 14.69
C GLY A 224 -3.90 2.77 15.03
N GLY A 225 -4.93 2.73 15.88
CA GLY A 225 -5.62 3.95 16.23
C GLY A 225 -6.49 4.39 15.07
N ASN A 226 -6.38 5.66 14.69
CA ASN A 226 -7.20 6.14 13.60
C ASN A 226 -6.70 5.71 12.22
N ILE A 227 -5.44 5.29 12.17
CA ILE A 227 -4.85 4.81 10.92
C ILE A 227 -5.14 3.32 10.75
N THR A 228 -6.05 3.02 9.83
CA THR A 228 -6.45 1.65 9.56
C THR A 228 -5.41 1.02 8.66
N SER A 229 -5.46 -0.29 8.52
CA SER A 229 -4.52 -0.95 7.65
C SER A 229 -4.78 -0.58 6.20
N ALA A 230 -6.01 -0.21 5.89
CA ALA A 230 -6.40 0.17 4.53
C ALA A 230 -5.70 1.44 4.11
N ASP A 231 -5.39 2.26 5.09
CA ASP A 231 -4.69 3.52 4.88
C ASP A 231 -3.24 3.26 4.55
N CYS A 232 -2.65 2.28 5.23
CA CYS A 232 -1.25 1.92 5.02
C CYS A 232 -1.06 1.17 3.71
N LEU A 233 -2.06 0.42 3.29
CA LEU A 233 -1.95 -0.29 2.02
C LEU A 233 -2.24 0.70 0.90
N LYS A 234 -3.04 1.72 1.19
CA LYS A 234 -3.35 2.73 0.21
C LYS A 234 -2.11 3.59 -0.02
N SER A 235 -1.41 3.92 1.06
CA SER A 235 -0.19 4.71 0.99
C SER A 235 0.84 3.87 0.29
N CYS A 236 0.90 2.60 0.68
CA CYS A 236 1.83 1.64 0.11
C CYS A 236 1.86 1.72 -1.42
N LEU A 237 0.69 1.59 -2.04
CA LEU A 237 0.60 1.65 -3.48
C LEU A 237 1.03 3.01 -4.05
N ARG A 238 1.42 3.94 -3.19
CA ARG A 238 1.90 5.26 -3.65
C ARG A 238 3.38 5.46 -3.28
N ARG A 240 5.94 3.25 -4.64
CA ARG A 240 6.71 2.44 -5.61
C ARG A 240 7.35 1.17 -5.03
N PRO A 241 6.53 0.27 -4.48
CA PRO A 241 7.04 -0.98 -3.89
C PRO A 241 7.23 -2.08 -4.95
N ASP A 242 8.19 -2.98 -4.72
CA ASP A 242 8.39 -4.08 -5.66
C ASP A 242 7.67 -5.27 -5.06
N ARG A 243 7.67 -5.34 -3.74
CA ARG A 243 7.02 -6.40 -2.99
C ARG A 243 6.25 -5.77 -1.86
N ILE A 244 5.07 -6.30 -1.58
CA ILE A 244 4.27 -5.79 -0.47
C ILE A 244 4.04 -6.91 0.53
N ILE A 245 4.43 -6.69 1.78
CA ILE A 245 4.24 -7.72 2.77
C ILE A 245 3.17 -7.29 3.77
N LEU A 246 2.03 -7.97 3.74
CA LEU A 246 0.93 -7.66 4.66
C LEU A 246 1.04 -8.44 5.94
N GLY A 247 1.26 -7.72 7.03
CA GLY A 247 1.34 -8.37 8.31
C GLY A 247 0.25 -9.44 8.43
N GLU A 248 -1.01 -9.06 8.23
CA GLU A 248 -2.11 -10.02 8.34
C GLU A 248 -3.44 -9.45 7.84
N LEU A 249 -4.12 -10.20 6.96
CA LEU A 249 -5.42 -9.78 6.42
C LEU A 249 -6.50 -9.84 7.49
N ARG A 250 -7.07 -8.69 7.81
CA ARG A 250 -8.12 -8.62 8.83
C ARG A 250 -9.54 -8.51 8.23
N SER A 251 -9.82 -7.40 7.56
CA SER A 251 -11.13 -7.20 6.95
C SER A 251 -11.18 -5.86 6.21
N SER A 252 -10.48 -4.87 6.73
CA SER A 252 -10.45 -3.55 6.10
C SER A 252 -9.74 -3.67 4.76
N GLU A 253 -8.49 -4.11 4.80
CA GLU A 253 -7.68 -4.29 3.61
C GLU A 253 -8.30 -5.35 2.72
N ALA A 254 -8.98 -6.30 3.37
CA ALA A 254 -9.62 -7.42 2.69
C ALA A 254 -9.93 -7.13 1.21
N TYR A 255 -10.86 -6.22 0.95
CA TYR A 255 -11.23 -5.89 -0.42
C TYR A 255 -10.18 -5.06 -1.16
N ASP A 256 -9.57 -4.13 -0.45
CA ASP A 256 -8.54 -3.27 -1.01
C ASP A 256 -7.29 -4.08 -1.30
N PHE A 257 -7.35 -5.36 -0.99
CA PHE A 257 -6.26 -6.27 -1.24
C PHE A 257 -6.62 -7.00 -2.55
N TYR A 258 -7.91 -7.32 -2.68
CA TYR A 258 -8.45 -7.99 -3.86
C TYR A 258 -8.18 -7.12 -5.08
N ASN A 259 -8.31 -5.81 -4.86
CA ASN A 259 -8.07 -4.84 -5.92
C ASN A 259 -6.62 -4.76 -6.26
N VAL A 260 -5.76 -4.64 -5.26
CA VAL A 260 -4.32 -4.58 -5.52
C VAL A 260 -3.91 -5.75 -6.42
N LEU A 261 -4.57 -6.89 -6.24
CA LEU A 261 -4.33 -8.11 -7.02
C LEU A 261 -4.94 -8.01 -8.43
N CYS A 262 -6.14 -7.42 -8.51
CA CYS A 262 -6.85 -7.22 -9.78
C CYS A 262 -6.00 -6.41 -10.75
N SER A 263 -5.30 -5.39 -10.22
CA SER A 263 -4.42 -4.54 -11.01
C SER A 263 -3.13 -5.26 -11.35
N GLY A 264 -3.15 -6.60 -11.22
CA GLY A 264 -1.98 -7.43 -11.52
C GLY A 264 -0.70 -6.96 -10.84
N HIS A 265 -0.69 -6.93 -9.51
CA HIS A 265 0.50 -6.46 -8.82
C HIS A 265 1.54 -7.54 -8.52
N LYS A 266 2.78 -7.20 -8.86
CA LYS A 266 4.00 -8.00 -8.68
C LYS A 266 3.98 -9.08 -7.57
N GLY A 267 4.76 -8.86 -6.52
CA GLY A 267 4.87 -9.82 -5.43
C GLY A 267 4.24 -9.48 -4.09
N THR A 268 3.09 -10.09 -3.84
CA THR A 268 2.36 -9.90 -2.59
C THR A 268 2.62 -11.12 -1.72
N LEU A 269 2.56 -10.94 -0.42
CA LEU A 269 2.78 -12.03 0.51
C LEU A 269 2.18 -11.65 1.84
N THR A 270 1.23 -12.46 2.31
CA THR A 270 0.55 -12.16 3.55
C THR A 270 0.06 -13.39 4.30
N THR A 271 -0.25 -13.19 5.58
CA THR A 271 -0.75 -14.26 6.43
C THR A 271 -2.25 -14.06 6.67
N LEU A 272 -2.93 -15.16 6.97
CA LEU A 272 -4.37 -15.13 7.18
C LEU A 272 -4.78 -16.31 8.06
N HIS A 273 -5.77 -16.12 8.93
CA HIS A 273 -6.22 -17.23 9.75
C HIS A 273 -7.20 -18.02 8.91
N ALA A 274 -6.92 -19.30 8.73
CA ALA A 274 -7.80 -20.16 7.98
C ALA A 274 -7.31 -21.58 8.19
N GLY A 275 -8.26 -22.51 8.17
CA GLY A 275 -7.92 -23.90 8.38
C GLY A 275 -7.39 -24.59 7.14
N SER A 276 -7.67 -24.05 5.95
CA SER A 276 -7.15 -24.68 4.74
C SER A 276 -7.10 -23.80 3.50
N SER A 277 -6.77 -24.43 2.38
CA SER A 277 -6.65 -23.72 1.12
C SER A 277 -8.04 -23.26 0.75
N GLU A 278 -8.90 -24.22 0.42
CA GLU A 278 -10.27 -23.88 0.04
C GLU A 278 -10.88 -22.84 0.99
N GLU A 279 -10.61 -23.01 2.28
CA GLU A 279 -11.13 -22.08 3.26
C GLU A 279 -10.59 -20.69 3.03
N ALA A 280 -9.28 -20.59 2.83
CA ALA A 280 -8.66 -19.29 2.61
C ALA A 280 -9.37 -18.46 1.53
N PHE A 281 -9.84 -19.10 0.46
CA PHE A 281 -10.50 -18.32 -0.57
C PHE A 281 -11.83 -17.72 -0.10
N ILE A 282 -12.57 -18.49 0.70
CA ILE A 282 -13.86 -18.06 1.24
C ILE A 282 -13.64 -17.01 2.33
N ARG A 283 -12.60 -17.23 3.12
CA ARG A 283 -12.23 -16.32 4.18
C ARG A 283 -12.05 -14.95 3.51
N LEU A 284 -11.35 -14.95 2.37
CA LEU A 284 -11.06 -13.75 1.60
C LEU A 284 -12.33 -13.07 1.07
N ALA A 285 -13.17 -13.85 0.40
CA ALA A 285 -14.44 -13.37 -0.13
C ALA A 285 -15.28 -12.74 0.99
N ASN A 286 -15.52 -13.51 2.05
CA ASN A 286 -16.28 -13.03 3.20
C ASN A 286 -15.82 -11.64 3.59
N SER A 288 -13.69 -9.45 2.02
CA SER A 288 -13.82 -8.43 0.98
C SER A 288 -15.25 -7.90 0.88
N SER A 289 -16.21 -8.81 0.97
CA SER A 289 -17.63 -8.47 0.87
C SER A 289 -18.09 -7.43 1.88
N SER A 290 -17.53 -7.51 3.08
CA SER A 290 -17.90 -6.59 4.15
C SER A 290 -17.55 -5.16 3.82
N ASN A 291 -16.82 -4.95 2.72
CA ASN A 291 -16.45 -3.59 2.32
C ASN A 291 -17.52 -2.98 1.44
N SER A 292 -17.82 -1.72 1.72
CA SER A 292 -18.82 -0.99 0.98
C SER A 292 -18.54 -0.93 -0.50
N ALA A 293 -17.27 -0.96 -0.87
CA ALA A 293 -16.91 -0.90 -2.28
C ALA A 293 -17.31 -2.16 -3.05
N ALA A 294 -17.42 -3.29 -2.34
CA ALA A 294 -17.79 -4.57 -2.95
C ALA A 294 -19.28 -4.86 -2.74
N ARG A 295 -20.04 -3.81 -2.43
CA ARG A 295 -21.46 -3.95 -2.19
C ARG A 295 -22.22 -4.42 -3.42
N ASN A 296 -21.70 -4.15 -4.61
CA ASN A 296 -22.39 -4.55 -5.83
C ASN A 296 -21.69 -5.66 -6.61
N ILE A 297 -20.87 -6.46 -5.91
CA ILE A 297 -20.15 -7.54 -6.54
C ILE A 297 -20.64 -8.92 -6.06
N LYS A 298 -20.94 -9.80 -7.01
CA LYS A 298 -21.42 -11.14 -6.66
C LYS A 298 -20.42 -11.87 -5.74
N PHE A 299 -20.92 -12.45 -4.65
CA PHE A 299 -20.07 -13.15 -3.69
C PHE A 299 -19.20 -14.25 -4.31
N GLU A 300 -19.79 -15.10 -5.15
CA GLU A 300 -19.02 -16.17 -5.78
C GLU A 300 -17.96 -15.54 -6.69
N SER A 301 -18.25 -14.33 -7.18
CA SER A 301 -17.35 -13.59 -8.07
C SER A 301 -16.08 -13.17 -7.35
N LEU A 302 -16.16 -13.00 -6.03
CA LEU A 302 -14.99 -12.62 -5.24
C LEU A 302 -14.16 -13.88 -5.05
N ILE A 303 -14.80 -14.97 -4.67
CA ILE A 303 -14.08 -16.21 -4.47
C ILE A 303 -13.28 -16.54 -5.72
N GLU A 304 -13.93 -16.50 -6.87
CA GLU A 304 -13.24 -16.79 -8.11
C GLU A 304 -12.18 -15.76 -8.34
N GLY A 305 -12.37 -14.58 -7.77
CA GLY A 305 -11.40 -13.52 -7.92
C GLY A 305 -10.04 -13.88 -7.33
N PHE A 306 -10.05 -14.28 -6.08
CA PHE A 306 -8.81 -14.66 -5.40
C PHE A 306 -8.25 -15.93 -5.98
N LYS A 307 -9.14 -16.80 -6.47
CA LYS A 307 -8.73 -18.08 -7.04
C LYS A 307 -7.81 -17.92 -8.23
N ASP A 308 -7.98 -16.83 -8.97
CA ASP A 308 -7.15 -16.54 -10.14
C ASP A 308 -5.87 -15.82 -9.72
N LEU A 309 -6.02 -14.91 -8.77
CA LEU A 309 -4.92 -14.10 -8.30
C LEU A 309 -3.93 -14.73 -7.32
N ILE A 310 -4.37 -15.60 -6.41
CA ILE A 310 -3.44 -16.22 -5.45
C ILE A 310 -2.74 -17.41 -6.11
N ASP A 311 -1.44 -17.26 -6.34
CA ASP A 311 -0.64 -18.30 -7.00
C ASP A 311 -0.33 -19.50 -6.12
N ILE A 313 -0.73 -21.08 -1.80
CA ILE A 313 -1.13 -21.02 -0.40
C ILE A 313 -0.47 -22.13 0.42
N VAL A 314 0.10 -21.72 1.55
CA VAL A 314 0.78 -22.61 2.48
C VAL A 314 0.00 -22.68 3.80
N HIS A 315 -0.46 -23.86 4.19
CA HIS A 315 -1.19 -23.95 5.46
C HIS A 315 -0.33 -24.65 6.50
N ILE A 316 -0.44 -24.21 7.75
CA ILE A 316 0.33 -24.76 8.87
C ILE A 316 -0.57 -25.25 10.00
N ASN A 317 -0.33 -26.47 10.46
CA ASN A 317 -1.13 -27.03 11.55
C ASN A 317 -0.63 -26.62 12.95
N HIS A 318 -1.35 -27.05 13.99
CA HIS A 318 -1.00 -26.69 15.37
C HIS A 318 0.39 -27.14 15.75
N HIS A 319 0.92 -28.09 15.00
CA HIS A 319 2.26 -28.60 15.25
C HIS A 319 3.34 -27.88 14.45
N LYS A 320 3.02 -26.65 14.04
CA LYS A 320 3.97 -25.83 13.30
C LYS A 320 4.62 -26.57 12.13
N GLN A 321 3.79 -27.32 11.40
CA GLN A 321 4.23 -28.09 10.23
C GLN A 321 3.28 -27.89 9.06
N CYS A 322 3.83 -27.75 7.86
CA CYS A 322 2.97 -27.57 6.70
C CYS A 322 2.21 -28.84 6.42
N ASP A 323 0.89 -28.72 6.28
CA ASP A 323 0.07 -29.90 6.00
C ASP A 323 -0.77 -29.76 4.72
N GLU A 324 -0.38 -28.80 3.88
CA GLU A 324 -1.03 -28.52 2.60
C GLU A 324 -0.27 -27.41 1.93
N PHE A 325 0.09 -27.64 0.67
CA PHE A 325 0.83 -26.65 -0.12
C PHE A 325 0.09 -26.41 -1.43
N TYR A 326 -0.85 -25.46 -1.46
CA TYR A 326 -1.61 -25.17 -2.67
C TYR A 326 -0.80 -24.43 -3.72
N ILE A 327 -0.96 -24.80 -4.99
CA ILE A 327 -0.24 -24.12 -6.06
C ILE A 327 -1.09 -23.90 -7.31
N LYS A 328 -0.63 -23.02 -8.21
CA LYS A 328 -1.30 -22.67 -9.46
C LYS A 328 -2.76 -22.30 -9.24
N LEU B 6 -2.80 43.86 -22.76
CA LEU B 6 -3.70 43.24 -21.74
C LEU B 6 -2.89 42.70 -20.55
N SER B 7 -1.66 42.28 -20.84
CA SER B 7 -0.75 41.72 -19.84
C SER B 7 -0.62 42.62 -18.64
N ALA B 8 -0.71 43.92 -18.88
CA ALA B 8 -0.60 44.90 -17.81
C ALA B 8 -1.83 44.86 -16.89
N GLU B 9 -3.02 44.82 -17.51
CA GLU B 9 -4.28 44.78 -16.78
C GLU B 9 -4.48 43.41 -16.12
N ASP B 10 -4.01 42.37 -16.81
CA ASP B 10 -4.13 41.01 -16.32
C ASP B 10 -3.23 40.77 -15.10
N LYS B 11 -2.06 41.40 -15.09
CA LYS B 11 -1.11 41.27 -13.99
C LYS B 11 -1.71 41.79 -12.68
N LYS B 12 -2.20 43.03 -12.71
CA LYS B 12 -2.81 43.61 -11.52
C LYS B 12 -3.97 42.75 -11.03
N PHE B 13 -4.70 42.19 -11.98
CA PHE B 13 -5.85 41.34 -11.69
C PHE B 13 -5.47 40.05 -10.97
N LEU B 14 -4.36 39.45 -11.40
CA LEU B 14 -3.89 38.22 -10.79
C LEU B 14 -3.12 38.48 -9.50
N GLU B 15 -2.47 39.63 -9.46
CA GLU B 15 -1.66 40.03 -8.33
C GLU B 15 -2.03 39.47 -6.96
N VAL B 16 -3.30 39.52 -6.60
CA VAL B 16 -3.74 39.03 -5.30
C VAL B 16 -3.75 37.51 -5.08
N GLU B 17 -4.09 36.74 -6.12
CA GLU B 17 -4.10 35.29 -5.97
C GLU B 17 -2.68 34.77 -6.00
N ARG B 18 -1.86 35.33 -6.89
CA ARG B 18 -0.47 34.91 -7.01
C ARG B 18 0.29 35.09 -5.70
N ALA B 19 0.15 36.25 -5.08
CA ALA B 19 0.81 36.52 -3.81
C ALA B 19 0.43 35.40 -2.83
N LEU B 20 -0.86 35.09 -2.80
CA LEU B 20 -1.42 34.06 -1.94
C LEU B 20 -0.76 32.72 -2.21
N LYS B 21 -0.84 32.27 -3.47
CA LYS B 21 -0.25 31.00 -3.85
C LYS B 21 1.26 31.04 -3.67
N GLU B 22 1.88 32.04 -4.30
CA GLU B 22 3.33 32.22 -4.29
C GLU B 22 3.90 32.54 -2.90
N ALA B 23 3.17 32.16 -1.87
CA ALA B 23 3.59 32.41 -0.49
C ALA B 23 3.82 31.06 0.18
N ALA B 24 3.29 30.04 -0.46
CA ALA B 24 3.38 28.67 0.01
C ALA B 24 4.19 27.92 -1.02
N LEU B 25 4.30 28.50 -2.20
CA LEU B 25 5.02 27.88 -3.30
C LEU B 25 6.49 28.29 -3.31
N ASN B 26 6.80 29.49 -2.87
CA ASN B 26 8.19 29.85 -2.85
C ASN B 26 8.88 29.02 -1.76
N PRO B 27 8.30 29.01 -0.55
CA PRO B 27 8.88 28.23 0.54
C PRO B 27 9.15 26.80 0.09
N LEU B 28 8.14 26.20 -0.55
CA LEU B 28 8.23 24.83 -1.02
C LEU B 28 9.28 24.58 -2.07
N ARG B 29 9.57 25.58 -2.90
CA ARG B 29 10.58 25.43 -3.93
C ARG B 29 11.98 25.29 -3.36
N HIS B 30 12.27 26.07 -2.33
CA HIS B 30 13.58 26.05 -1.69
C HIS B 30 13.75 24.76 -0.91
N ALA B 31 12.71 24.33 -0.23
CA ALA B 31 12.83 23.08 0.50
C ALA B 31 13.14 22.02 -0.55
N THR B 32 12.34 21.99 -1.62
CA THR B 32 12.51 21.03 -2.69
C THR B 32 13.91 21.07 -3.27
N GLU B 33 14.41 22.28 -3.45
CA GLU B 33 15.74 22.52 -4.00
C GLU B 33 16.83 22.02 -3.05
N GLU B 34 16.68 22.43 -1.79
CA GLU B 34 17.63 22.08 -0.74
C GLU B 34 17.80 20.59 -0.51
N LEU B 35 16.71 19.83 -0.58
CA LEU B 35 16.77 18.38 -0.35
C LEU B 35 16.98 17.53 -1.60
N PHE B 36 15.97 17.50 -2.47
CA PHE B 36 16.01 16.66 -3.66
C PHE B 36 16.47 17.35 -4.93
N GLY B 37 17.11 18.50 -4.79
CA GLY B 37 17.57 19.21 -5.98
C GLY B 37 18.38 18.33 -6.92
N ASP B 38 19.56 17.92 -6.48
CA ASP B 38 20.48 17.11 -7.27
C ASP B 38 19.72 15.96 -7.91
N PHE B 39 18.97 15.27 -7.07
CA PHE B 39 18.18 14.11 -7.50
C PHE B 39 17.17 14.39 -8.61
N LEU B 40 16.46 15.50 -8.50
CA LEU B 40 15.47 15.82 -9.51
C LEU B 40 16.09 16.17 -10.86
N LYS B 41 17.39 16.46 -10.85
CA LYS B 41 18.12 16.80 -12.09
C LYS B 41 18.71 15.57 -12.81
N GLU B 43 18.97 12.38 -15.06
CA GLU B 43 18.23 11.94 -16.26
C GLU B 43 17.73 10.52 -16.13
N ASN B 44 16.63 10.23 -16.83
CA ASN B 44 16.03 8.90 -16.83
C ASN B 44 15.86 8.25 -15.44
N ILE B 45 14.97 8.82 -14.64
CA ILE B 45 14.67 8.29 -13.33
C ILE B 45 13.13 8.28 -13.27
N THR B 46 12.57 7.33 -12.53
CA THR B 46 11.12 7.22 -12.46
C THR B 46 10.55 7.44 -11.05
N GLU B 47 11.40 7.55 -10.06
CA GLU B 47 10.94 7.75 -8.69
C GLU B 47 12.12 8.04 -7.77
N ILE B 48 11.91 8.98 -6.86
CA ILE B 48 12.92 9.37 -5.87
C ILE B 48 12.34 9.01 -4.50
N CYS B 49 12.91 7.99 -3.88
CA CYS B 49 12.43 7.58 -2.57
C CYS B 49 13.41 7.90 -1.46
N TYR B 50 12.87 8.20 -0.30
CA TYR B 50 13.69 8.45 0.86
C TYR B 50 13.01 7.63 1.94
N ASN B 51 13.81 6.80 2.62
CA ASN B 51 13.27 5.91 3.62
C ASN B 51 13.62 6.26 5.06
N GLY B 52 13.85 7.55 5.29
CA GLY B 52 14.17 8.08 6.60
C GLY B 52 15.39 7.45 7.22
N ASN B 53 16.32 7.03 6.38
CA ASN B 53 17.53 6.38 6.86
C ASN B 53 18.82 7.01 6.33
N LYS B 54 18.82 8.31 6.07
CA LYS B 54 20.00 9.02 5.56
C LYS B 54 20.46 8.54 4.18
N VAL B 55 19.57 7.87 3.46
CA VAL B 55 19.88 7.36 2.13
C VAL B 55 18.72 7.61 1.18
N VAL B 56 19.04 8.20 0.02
CA VAL B 56 18.05 8.48 -1.01
C VAL B 56 18.17 7.41 -2.11
N TRP B 57 17.07 6.69 -2.34
CA TRP B 57 17.03 5.64 -3.34
C TRP B 57 16.37 6.17 -4.59
N VAL B 58 17.07 6.06 -5.71
CA VAL B 58 16.54 6.54 -6.96
C VAL B 58 16.34 5.42 -7.98
N LEU B 59 15.14 5.34 -8.55
CA LEU B 59 14.83 4.32 -9.54
C LEU B 59 15.02 4.85 -10.96
N LYS B 60 15.81 4.10 -11.71
CA LYS B 60 16.14 4.45 -13.06
C LYS B 60 15.15 3.80 -14.01
N ASN B 61 15.01 4.42 -15.19
CA ASN B 61 14.12 3.91 -16.21
C ASN B 61 14.43 2.46 -16.56
N ASN B 62 15.68 2.08 -16.36
CA ASN B 62 16.12 0.72 -16.63
C ASN B 62 15.79 -0.25 -15.47
N GLY B 63 14.82 0.11 -14.64
CA GLY B 63 14.41 -0.74 -13.54
C GLY B 63 15.41 -0.98 -12.42
N GLU B 64 16.48 -0.20 -12.40
CA GLU B 64 17.52 -0.35 -11.39
C GLU B 64 17.35 0.64 -10.23
N TRP B 65 17.64 0.19 -9.01
CA TRP B 65 17.55 1.05 -7.82
C TRP B 65 18.96 1.50 -7.45
N GLN B 66 19.18 2.80 -7.37
CA GLN B 66 20.49 3.34 -7.01
C GLN B 66 20.37 4.13 -5.72
N PRO B 67 21.22 3.84 -4.73
CA PRO B 67 21.15 4.56 -3.44
C PRO B 67 22.17 5.67 -3.29
N PHE B 68 21.83 6.70 -2.52
CA PHE B 68 22.75 7.80 -2.32
C PHE B 68 22.84 8.22 -0.87
N ASP B 69 24.08 8.32 -0.40
CA ASP B 69 24.46 8.72 0.96
C ASP B 69 24.26 10.21 1.25
N VAL B 70 23.34 10.51 2.17
CA VAL B 70 23.06 11.90 2.53
C VAL B 70 23.27 12.18 4.03
N ARG B 71 23.99 11.28 4.71
CA ARG B 71 24.30 11.42 6.14
C ARG B 71 24.85 12.78 6.53
N ASP B 72 25.61 13.38 5.62
CA ASP B 72 26.25 14.67 5.84
C ASP B 72 25.60 15.85 5.16
N ARG B 73 24.29 15.98 5.26
CA ARG B 73 23.62 17.12 4.64
C ARG B 73 22.63 17.73 5.64
N LYS B 74 22.65 19.05 5.77
CA LYS B 74 21.75 19.72 6.69
C LYS B 74 20.32 19.42 6.25
N ALA B 75 20.08 19.49 4.95
CA ALA B 75 18.77 19.24 4.36
C ALA B 75 18.06 18.01 4.90
N PHE B 76 18.82 16.98 5.25
CA PHE B 76 18.19 15.78 5.77
C PHE B 76 18.24 15.63 7.29
N SER B 77 17.68 16.64 7.94
CA SER B 77 17.57 16.71 9.40
C SER B 77 16.08 16.80 9.72
N LEU B 78 15.65 16.08 10.74
CA LEU B 78 14.25 16.07 11.12
C LEU B 78 13.62 17.43 10.94
N SER B 79 14.31 18.46 11.44
CA SER B 79 13.80 19.83 11.32
C SER B 79 13.63 20.24 9.86
N ARG B 80 14.66 19.93 9.07
CA ARG B 80 14.69 20.25 7.64
C ARG B 80 13.69 19.44 6.85
N LEU B 81 13.55 18.17 7.20
CA LEU B 81 12.61 17.28 6.52
C LEU B 81 11.18 17.66 6.88
N HIS B 83 9.97 20.61 7.83
CA HIS B 83 9.62 21.85 7.20
C HIS B 83 9.22 21.58 5.73
N PHE B 84 9.95 20.69 5.07
CA PHE B 84 9.65 20.36 3.69
C PHE B 84 8.27 19.72 3.66
N ALA B 85 8.05 18.78 4.57
CA ALA B 85 6.78 18.09 4.64
C ALA B 85 5.61 19.07 4.78
N ARG B 86 5.68 19.98 5.76
CA ARG B 86 4.59 20.94 5.94
C ARG B 86 4.44 21.80 4.69
N CYS B 87 5.56 22.11 4.05
CA CYS B 87 5.49 22.94 2.86
C CYS B 87 4.61 22.26 1.83
N CYS B 88 4.75 20.94 1.67
CA CYS B 88 3.92 20.21 0.71
C CYS B 88 2.46 20.23 1.14
N ALA B 89 2.22 20.00 2.42
CA ALA B 89 0.88 20.00 2.99
C ALA B 89 0.16 21.31 2.66
N SER B 90 0.61 22.40 3.26
CA SER B 90 0.00 23.70 3.00
C SER B 90 -0.16 23.99 1.51
N PHE B 91 0.84 23.63 0.71
CA PHE B 91 0.76 23.88 -0.73
C PHE B 91 -0.54 23.32 -1.31
N LYS B 92 -0.93 22.12 -0.91
CA LYS B 92 -2.16 21.50 -1.41
C LYS B 92 -3.32 21.69 -0.44
N LYS B 93 -3.18 22.65 0.46
CA LYS B 93 -4.23 22.92 1.43
C LYS B 93 -4.53 21.64 2.18
N LYS B 94 -3.54 21.19 2.97
CA LYS B 94 -3.62 19.98 3.80
C LYS B 94 -2.71 20.15 5.03
N THR B 95 -2.74 19.16 5.91
CA THR B 95 -1.92 19.19 7.11
C THR B 95 -1.23 17.85 7.31
N ILE B 96 0.00 17.89 7.80
CA ILE B 96 0.73 16.67 8.06
C ILE B 96 1.23 16.79 9.48
N ASP B 97 1.00 15.75 10.27
CA ASP B 97 1.42 15.78 11.66
C ASP B 97 1.67 14.38 12.18
N ASN B 98 1.90 14.26 13.48
CA ASN B 98 2.16 12.97 14.12
C ASN B 98 0.90 12.43 14.81
N TYR B 99 -0.24 13.01 14.47
CA TYR B 99 -1.49 12.57 15.08
C TYR B 99 -2.56 12.18 14.07
N GLU B 100 -3.44 13.11 13.72
CA GLU B 100 -4.50 12.79 12.78
C GLU B 100 -4.14 12.87 11.30
N ASN B 101 -2.91 13.25 10.97
CA ASN B 101 -2.55 13.38 9.56
C ASN B 101 -1.10 12.99 9.31
N PRO B 102 -0.73 11.76 9.65
CA PRO B 102 0.66 11.34 9.44
C PRO B 102 0.99 10.95 8.01
N ILE B 103 -0.02 10.59 7.24
CA ILE B 103 0.19 10.19 5.86
C ILE B 103 -0.21 11.35 4.95
N LEU B 104 0.62 11.64 3.96
CA LEU B 104 0.33 12.76 3.07
C LEU B 104 0.54 12.46 1.60
N SER B 105 -0.32 13.09 0.79
CA SER B 105 -0.30 12.98 -0.65
C SER B 105 -0.39 14.43 -1.15
N SER B 106 0.67 14.89 -1.79
CA SER B 106 0.66 16.26 -2.30
C SER B 106 1.53 16.34 -3.54
N ASN B 107 1.93 17.55 -3.90
CA ASN B 107 2.74 17.70 -5.09
C ASN B 107 3.81 18.71 -4.92
N LEU B 108 4.76 18.71 -5.84
CA LEU B 108 5.86 19.64 -5.78
C LEU B 108 5.44 20.87 -6.55
N ALA B 109 6.32 21.88 -6.60
CA ALA B 109 5.99 23.10 -7.33
C ALA B 109 5.65 22.76 -8.79
N ASN B 110 6.35 21.79 -9.36
CA ASN B 110 6.09 21.45 -10.74
C ASN B 110 4.98 20.44 -10.96
N GLY B 111 4.43 19.93 -9.87
CA GLY B 111 3.31 19.02 -9.99
C GLY B 111 3.55 17.55 -9.77
N GLU B 112 4.79 17.15 -9.54
CA GLU B 112 5.07 15.73 -9.33
C GLU B 112 4.51 15.20 -8.03
N ARG B 113 3.86 14.04 -8.14
CA ARG B 113 3.24 13.37 -7.00
C ARG B 113 4.23 13.15 -5.85
N VAL B 114 3.80 13.46 -4.63
CA VAL B 114 4.63 13.28 -3.43
C VAL B 114 3.84 12.61 -2.31
N GLN B 115 4.39 11.51 -1.79
CA GLN B 115 3.76 10.72 -0.72
C GLN B 115 4.64 10.76 0.53
N ILE B 116 4.20 11.44 1.58
CA ILE B 116 4.99 11.51 2.80
C ILE B 116 4.38 10.76 3.99
N VAL B 117 5.20 10.03 4.73
CA VAL B 117 4.69 9.31 5.87
C VAL B 117 5.55 9.61 7.10
N LEU B 118 4.88 9.96 8.19
CA LEU B 118 5.55 10.31 9.44
C LEU B 118 5.18 9.33 10.56
N SER B 119 5.79 9.53 11.72
CA SER B 119 5.51 8.72 12.89
C SER B 119 4.16 9.27 13.34
N PRO B 120 3.33 8.44 13.98
CA PRO B 120 3.50 7.03 14.35
C PRO B 120 3.43 5.95 13.26
N VAL B 121 2.90 6.29 12.09
CA VAL B 121 2.78 5.30 10.99
C VAL B 121 4.14 4.70 10.55
N THR B 122 5.22 5.43 10.76
CA THR B 122 6.53 4.90 10.41
C THR B 122 7.08 4.16 11.64
N VAL B 123 8.12 3.34 11.44
CA VAL B 123 8.71 2.57 12.53
C VAL B 123 9.09 3.37 13.78
N ASN B 124 9.71 4.54 13.62
CA ASN B 124 10.09 5.38 14.77
C ASN B 124 9.93 6.89 14.50
N ASP B 125 10.37 7.73 15.43
CA ASP B 125 10.22 9.16 15.25
C ASP B 125 11.29 9.84 14.43
N GLU B 126 12.35 9.10 14.08
CA GLU B 126 13.45 9.64 13.28
C GLU B 126 13.30 9.15 11.85
N THR B 127 12.12 8.61 11.56
CA THR B 127 11.83 8.10 10.23
C THR B 127 10.79 8.97 9.54
N ILE B 128 11.14 9.44 8.35
CA ILE B 128 10.23 10.25 7.56
C ILE B 128 10.30 9.72 6.13
N SER B 129 9.30 8.93 5.75
CA SER B 129 9.23 8.34 4.41
C SER B 129 8.73 9.29 3.33
N ILE B 130 9.47 9.37 2.22
CA ILE B 130 9.11 10.25 1.11
C ILE B 130 9.27 9.54 -0.21
N SER B 131 8.27 9.66 -1.08
CA SER B 131 8.28 9.02 -2.39
C SER B 131 7.85 9.98 -3.49
N ILE B 132 8.79 10.39 -4.33
CA ILE B 132 8.47 11.32 -5.40
C ILE B 132 8.36 10.60 -6.73
N ARG B 133 7.28 10.89 -7.44
CA ARG B 133 7.02 10.24 -8.71
C ARG B 133 7.36 11.17 -9.87
N ILE B 134 8.43 10.79 -10.58
CA ILE B 134 8.93 11.52 -11.73
C ILE B 134 8.18 11.17 -13.03
N PRO B 135 7.34 12.10 -13.52
CA PRO B 135 6.57 11.89 -14.75
C PRO B 135 7.36 11.51 -16.00
N SER B 136 8.68 11.62 -15.92
CA SER B 136 9.51 11.29 -17.08
C SER B 136 9.07 12.22 -18.22
N LYS B 137 9.44 13.48 -18.07
CA LYS B 137 9.09 14.52 -19.02
C LYS B 137 9.77 14.48 -20.40
N THR B 138 9.16 13.75 -21.33
CA THR B 138 9.67 13.62 -22.69
C THR B 138 8.53 13.05 -23.53
N THR B 139 8.50 13.38 -24.82
CA THR B 139 7.44 12.88 -25.69
C THR B 139 8.04 12.19 -26.90
N TYR B 140 8.43 10.94 -26.72
CA TYR B 140 9.02 10.18 -27.81
C TYR B 140 7.98 9.87 -28.88
N PRO B 141 8.39 9.86 -30.15
CA PRO B 141 7.46 9.56 -31.25
C PRO B 141 7.05 8.09 -31.23
N HIS B 142 5.89 7.77 -31.79
CA HIS B 142 5.46 6.38 -31.81
C HIS B 142 6.47 5.49 -32.54
N SER B 143 7.01 5.97 -33.65
CA SER B 143 7.99 5.21 -34.40
C SER B 143 9.09 4.72 -33.46
N PHE B 144 9.50 5.59 -32.53
CA PHE B 144 10.55 5.25 -31.56
C PHE B 144 10.23 4.01 -30.75
N PHE B 145 8.93 3.80 -30.52
CA PHE B 145 8.43 2.65 -29.77
C PHE B 145 8.65 1.37 -30.57
N GLU B 146 8.41 1.45 -31.87
CA GLU B 146 8.58 0.34 -32.79
C GLU B 146 10.07 0.01 -32.92
N GLU B 147 10.87 1.05 -33.14
CA GLU B 147 12.31 0.88 -33.27
C GLU B 147 12.89 0.18 -32.05
N GLN B 148 12.24 0.37 -30.91
CA GLN B 148 12.70 -0.24 -29.67
C GLN B 148 11.98 -1.55 -29.37
N GLY B 149 11.15 -2.02 -30.31
CA GLY B 149 10.44 -3.28 -30.11
C GLY B 149 9.36 -3.34 -29.03
N PHE B 150 8.56 -2.29 -28.93
CA PHE B 150 7.48 -2.22 -27.96
C PHE B 150 6.48 -3.30 -28.33
N TYR B 151 6.47 -3.67 -29.59
CA TYR B 151 5.54 -4.68 -30.09
C TYR B 151 6.19 -6.01 -30.42
N ASN B 152 7.50 -6.12 -30.24
CA ASN B 152 8.18 -7.36 -30.58
C ASN B 152 7.68 -8.66 -29.96
N LEU B 153 7.04 -8.62 -28.80
CA LEU B 153 6.56 -9.86 -28.18
C LEU B 153 5.26 -10.36 -28.82
N LEU B 154 4.61 -9.52 -29.62
CA LEU B 154 3.35 -9.90 -30.24
C LEU B 154 3.50 -10.78 -31.47
N ASP B 155 2.57 -11.71 -31.60
CA ASP B 155 2.55 -12.64 -32.73
C ASP B 155 1.84 -11.94 -33.88
N ASN B 156 1.00 -10.98 -33.52
CA ASN B 156 0.25 -10.18 -34.47
C ASN B 156 0.90 -8.78 -34.51
N LYS B 157 2.21 -8.74 -34.65
CA LYS B 157 2.93 -7.47 -34.65
C LYS B 157 2.39 -6.45 -35.65
N GLU B 158 2.56 -6.73 -36.94
CA GLU B 158 2.09 -5.81 -37.97
C GLU B 158 0.64 -5.41 -37.76
N GLN B 159 -0.18 -6.41 -37.45
CA GLN B 159 -1.60 -6.19 -37.23
C GLN B 159 -1.80 -5.16 -36.13
N ALA B 160 -1.19 -5.43 -34.99
CA ALA B 160 -1.26 -4.56 -33.82
C ALA B 160 -0.78 -3.14 -34.13
N ILE B 161 0.38 -3.01 -34.75
CA ILE B 161 0.90 -1.70 -35.08
C ILE B 161 0.00 -0.91 -36.03
N SER B 162 -0.77 -1.61 -36.85
CA SER B 162 -1.67 -0.94 -37.78
C SER B 162 -2.98 -0.60 -37.11
N ALA B 163 -3.43 -1.52 -36.25
CA ALA B 163 -4.68 -1.36 -35.52
C ALA B 163 -4.60 -0.12 -34.63
N ILE B 164 -3.47 0.06 -33.95
CA ILE B 164 -3.30 1.21 -33.07
C ILE B 164 -3.28 2.49 -33.88
N LYS B 165 -2.64 2.46 -35.04
CA LYS B 165 -2.58 3.66 -35.87
C LYS B 165 -3.93 4.03 -36.44
N ASP B 166 -4.51 3.09 -37.20
CA ASP B 166 -5.82 3.28 -37.81
C ASP B 166 -6.94 3.38 -36.80
N GLY B 167 -7.00 2.42 -35.88
CA GLY B 167 -8.03 2.45 -34.87
C GLY B 167 -8.18 3.83 -34.27
N ILE B 168 -7.11 4.32 -33.65
CA ILE B 168 -7.08 5.64 -33.02
C ILE B 168 -7.45 6.77 -33.99
N ALA B 169 -7.06 6.61 -35.24
CA ALA B 169 -7.36 7.61 -36.25
C ALA B 169 -8.87 7.67 -36.52
N ILE B 170 -9.56 6.55 -36.36
CA ILE B 170 -11.02 6.47 -36.60
C ILE B 170 -11.88 6.72 -35.35
N GLY B 171 -11.22 6.89 -34.20
CA GLY B 171 -11.91 7.18 -32.96
C GLY B 171 -12.41 6.01 -32.14
N LYS B 172 -11.64 4.94 -32.06
CA LYS B 172 -12.10 3.81 -31.27
C LYS B 172 -11.75 4.10 -29.81
N ASN B 173 -12.42 3.39 -28.91
CA ASN B 173 -12.14 3.54 -27.50
C ASN B 173 -11.00 2.59 -27.15
N VAL B 174 -9.86 3.16 -26.77
CA VAL B 174 -8.67 2.38 -26.41
C VAL B 174 -8.30 2.52 -24.94
N ILE B 175 -7.90 1.40 -24.34
CA ILE B 175 -7.48 1.38 -22.96
C ILE B 175 -6.07 0.81 -22.88
N VAL B 176 -5.19 1.58 -22.27
CA VAL B 176 -3.80 1.18 -22.09
C VAL B 176 -3.66 0.82 -20.62
N CYS B 177 -3.20 -0.40 -20.33
CA CYS B 177 -3.06 -0.79 -18.95
C CYS B 177 -1.74 -1.50 -18.64
N GLY B 178 -1.45 -1.58 -17.35
CA GLY B 178 -0.24 -2.23 -16.89
C GLY B 178 0.07 -1.70 -15.50
N GLY B 179 1.26 -2.03 -15.00
CA GLY B 179 1.66 -1.59 -13.68
C GLY B 179 2.32 -0.22 -13.65
N THR B 180 2.38 0.35 -12.45
CA THR B 180 2.97 1.64 -12.25
C THR B 180 4.34 1.79 -12.88
N GLY B 181 4.44 2.64 -13.89
CA GLY B 181 5.73 2.85 -14.50
C GLY B 181 6.04 1.92 -15.63
N SER B 182 5.00 1.43 -16.29
CA SER B 182 5.22 0.56 -17.44
C SER B 182 5.23 1.42 -18.71
N GLY B 183 5.24 2.74 -18.53
CA GLY B 183 5.25 3.65 -19.67
C GLY B 183 3.90 3.78 -20.34
N LYS B 184 2.82 3.71 -19.55
CA LYS B 184 1.46 3.83 -20.07
C LYS B 184 1.21 5.24 -20.61
N THR B 185 1.43 6.23 -19.75
CA THR B 185 1.25 7.63 -20.13
C THR B 185 2.09 7.91 -21.37
N THR B 186 3.39 7.63 -21.28
CA THR B 186 4.31 7.84 -22.39
C THR B 186 3.73 7.26 -23.68
N TYR B 187 3.28 6.01 -23.62
CA TYR B 187 2.73 5.37 -24.79
C TYR B 187 1.57 6.18 -25.37
N ILE B 188 0.54 6.47 -24.58
CA ILE B 188 -0.60 7.23 -25.08
C ILE B 188 -0.17 8.57 -25.66
N LYS B 189 0.77 9.26 -25.00
CA LYS B 189 1.25 10.54 -25.51
C LYS B 189 1.76 10.41 -26.95
N SER B 190 2.48 9.32 -27.21
CA SER B 190 3.02 9.08 -28.54
C SER B 190 1.96 8.67 -29.58
N ILE B 191 1.06 7.76 -29.21
CA ILE B 191 0.03 7.34 -30.16
C ILE B 191 -0.98 8.44 -30.49
N GLU B 193 -0.36 10.97 -32.06
CA GLU B 193 0.04 11.56 -33.33
C GLU B 193 -0.95 11.20 -34.40
N PHE B 194 -1.75 10.19 -34.09
CA PHE B 194 -2.72 9.66 -35.04
C PHE B 194 -4.14 10.20 -34.95
N ILE B 195 -4.38 11.14 -34.05
CA ILE B 195 -5.69 11.75 -33.96
C ILE B 195 -5.66 12.93 -34.92
N PRO B 196 -6.55 12.96 -35.94
CA PRO B 196 -6.59 14.05 -36.91
C PRO B 196 -6.42 15.38 -36.18
N LYS B 197 -5.48 16.19 -36.63
CA LYS B 197 -5.21 17.47 -35.97
C LYS B 197 -6.39 18.41 -35.86
N GLU B 198 -7.48 18.09 -36.54
CA GLU B 198 -8.67 18.91 -36.50
C GLU B 198 -9.55 18.56 -35.31
N GLU B 199 -9.18 17.50 -34.61
CA GLU B 199 -9.97 17.06 -33.49
C GLU B 199 -9.77 17.92 -32.26
N ARG B 200 -10.87 18.18 -31.57
CA ARG B 200 -10.82 18.94 -30.34
C ARG B 200 -10.66 17.86 -29.28
N ILE B 201 -9.69 18.07 -28.39
CA ILE B 201 -9.39 17.10 -27.36
C ILE B 201 -9.47 17.70 -25.97
N ILE B 202 -10.08 16.97 -25.05
CA ILE B 202 -10.14 17.43 -23.68
C ILE B 202 -9.44 16.34 -22.90
N SER B 203 -8.51 16.75 -22.03
CA SER B 203 -7.76 15.79 -21.25
C SER B 203 -8.05 15.99 -19.75
N ILE B 204 -8.33 14.89 -19.08
CA ILE B 204 -8.61 14.93 -17.65
C ILE B 204 -7.47 14.19 -16.96
N GLU B 205 -6.65 14.93 -16.24
CA GLU B 205 -5.52 14.33 -15.54
C GLU B 205 -5.51 14.71 -14.08
N ASP B 206 -4.52 14.12 -13.42
CA ASP B 206 -4.26 14.26 -12.02
C ASP B 206 -3.15 15.32 -11.82
N THR B 207 -2.26 15.41 -12.80
CA THR B 207 -1.12 16.33 -12.82
C THR B 207 -0.84 16.56 -14.29
N GLU B 208 -0.45 17.76 -14.69
CA GLU B 208 -0.16 17.98 -16.09
C GLU B 208 0.93 17.02 -16.53
N GLU B 209 0.69 16.30 -17.63
CA GLU B 209 1.63 15.31 -18.15
C GLU B 209 1.53 15.18 -19.67
N ILE B 210 0.31 15.04 -20.18
CA ILE B 210 0.12 14.91 -21.62
C ILE B 210 0.52 16.24 -22.27
N VAL B 211 1.13 16.14 -23.45
CA VAL B 211 1.53 17.33 -24.20
C VAL B 211 0.85 17.26 -25.57
N PHE B 212 0.38 18.42 -26.03
CA PHE B 212 -0.32 18.49 -27.31
C PHE B 212 0.61 19.00 -28.39
N LYS B 213 1.44 18.11 -28.93
CA LYS B 213 2.41 18.48 -29.96
C LYS B 213 1.79 18.68 -31.32
N HIS B 214 0.71 17.95 -31.58
CA HIS B 214 0.06 17.99 -32.88
C HIS B 214 -1.33 18.60 -32.91
N HIS B 215 -1.80 19.11 -31.77
CA HIS B 215 -3.14 19.68 -31.73
C HIS B 215 -3.20 21.06 -31.14
N LYS B 216 -3.97 21.92 -31.80
CA LYS B 216 -4.12 23.30 -31.36
C LYS B 216 -5.36 23.52 -30.50
N ASN B 217 -6.48 22.97 -30.95
CA ASN B 217 -7.76 23.12 -30.28
C ASN B 217 -7.92 22.07 -29.20
N TYR B 218 -7.87 22.50 -27.96
CA TYR B 218 -7.99 21.57 -26.85
C TYR B 218 -8.08 22.29 -25.51
N THR B 219 -8.21 21.49 -24.46
CA THR B 219 -8.34 22.03 -23.11
C THR B 219 -7.98 20.93 -22.15
N GLN B 220 -7.33 21.31 -21.07
CA GLN B 220 -6.94 20.34 -20.07
C GLN B 220 -7.66 20.62 -18.79
N LEU B 221 -8.18 19.54 -18.19
CA LEU B 221 -8.90 19.60 -16.92
C LEU B 221 -8.08 18.83 -15.89
N PHE B 222 -8.06 19.30 -14.65
CA PHE B 222 -7.32 18.63 -13.58
C PHE B 222 -8.19 18.50 -12.34
N PHE B 223 -8.30 17.28 -11.83
CA PHE B 223 -9.07 17.06 -10.63
C PHE B 223 -8.13 17.01 -9.44
N GLY B 224 -8.67 17.35 -8.27
CA GLY B 224 -7.86 17.37 -7.08
C GLY B 224 -8.58 18.19 -6.03
N GLY B 225 -8.46 17.77 -4.78
CA GLY B 225 -9.14 18.49 -3.72
C GLY B 225 -10.61 18.18 -3.76
N ASN B 226 -11.44 19.20 -3.71
CA ASN B 226 -12.86 18.95 -3.74
C ASN B 226 -13.38 18.60 -5.14
N ILE B 227 -12.58 18.93 -6.16
CA ILE B 227 -12.95 18.62 -7.55
C ILE B 227 -12.50 17.20 -7.89
N THR B 228 -13.49 16.31 -7.98
CA THR B 228 -13.25 14.90 -8.28
C THR B 228 -13.08 14.76 -9.76
N SER B 229 -12.57 13.61 -10.18
CA SER B 229 -12.40 13.39 -11.60
C SER B 229 -13.76 13.31 -12.30
N ALA B 230 -14.78 12.88 -11.55
CA ALA B 230 -16.14 12.74 -12.09
C ALA B 230 -16.70 14.10 -12.49
N ASP B 231 -16.21 15.12 -11.80
CA ASP B 231 -16.62 16.49 -12.05
C ASP B 231 -16.01 16.96 -13.36
N CYS B 232 -14.75 16.59 -13.58
CA CYS B 232 -14.04 16.98 -14.78
C CYS B 232 -14.54 16.24 -16.00
N LEU B 233 -14.99 15.02 -15.81
CA LEU B 233 -15.50 14.24 -16.93
C LEU B 233 -16.92 14.70 -17.22
N LYS B 234 -17.60 15.16 -16.19
CA LYS B 234 -18.97 15.65 -16.36
C LYS B 234 -18.91 16.99 -17.11
N SER B 235 -17.92 17.82 -16.77
CA SER B 235 -17.76 19.11 -17.41
C SER B 235 -17.36 18.82 -18.84
N CYS B 236 -16.41 17.90 -18.99
CA CYS B 236 -15.90 17.49 -20.28
C CYS B 236 -17.02 17.31 -21.30
N LEU B 237 -17.98 16.46 -20.95
CA LEU B 237 -19.11 16.17 -21.83
C LEU B 237 -19.95 17.42 -22.13
N ARG B 238 -19.58 18.55 -21.54
CA ARG B 238 -20.32 19.80 -21.81
C ARG B 238 -19.41 20.82 -22.53
N ARG B 240 -18.03 20.07 -25.81
CA ARG B 240 -17.96 19.62 -27.20
C ARG B 240 -16.60 19.03 -27.62
N PRO B 241 -16.17 17.93 -26.97
CA PRO B 241 -14.90 17.26 -27.26
C PRO B 241 -15.03 16.25 -28.41
N ASP B 242 -13.96 16.11 -29.20
CA ASP B 242 -14.00 15.14 -30.29
C ASP B 242 -13.35 13.88 -29.74
N ARG B 243 -12.38 14.08 -28.85
CA ARG B 243 -11.67 12.99 -28.21
C ARG B 243 -11.56 13.30 -26.73
N ILE B 244 -11.67 12.29 -25.88
CA ILE B 244 -11.52 12.52 -24.45
C ILE B 244 -10.38 11.64 -23.97
N ILE B 245 -9.39 12.26 -23.33
CA ILE B 245 -8.27 11.51 -22.82
C ILE B 245 -8.29 11.51 -21.31
N LEU B 246 -8.56 10.34 -20.73
CA LEU B 246 -8.60 10.17 -19.28
C LEU B 246 -7.23 9.82 -18.71
N GLY B 247 -6.69 10.72 -17.91
CA GLY B 247 -5.40 10.46 -17.31
C GLY B 247 -5.33 9.02 -16.81
N GLU B 248 -6.29 8.63 -15.96
CA GLU B 248 -6.30 7.28 -15.40
C GLU B 248 -7.59 6.94 -14.68
N LEU B 249 -8.22 5.82 -15.03
CA LEU B 249 -9.46 5.39 -14.37
C LEU B 249 -9.22 5.00 -12.92
N ARG B 250 -9.83 5.71 -11.98
CA ARG B 250 -9.65 5.41 -10.55
C ARG B 250 -10.83 4.63 -9.94
N SER B 251 -11.99 5.26 -9.86
CA SER B 251 -13.19 4.61 -9.31
C SER B 251 -14.38 5.55 -9.37
N SER B 252 -14.13 6.85 -9.24
CA SER B 252 -15.20 7.84 -9.31
C SER B 252 -15.76 7.87 -10.73
N GLU B 253 -14.88 8.15 -11.67
CA GLU B 253 -15.26 8.21 -13.08
C GLU B 253 -15.69 6.83 -13.55
N ALA B 254 -15.11 5.80 -12.93
CA ALA B 254 -15.39 4.41 -13.27
C ALA B 254 -16.74 4.20 -13.95
N TYR B 255 -17.85 4.42 -13.22
CA TYR B 255 -19.19 4.25 -13.78
C TYR B 255 -19.59 5.36 -14.77
N ASP B 256 -19.23 6.60 -14.45
CA ASP B 256 -19.54 7.74 -15.31
C ASP B 256 -18.73 7.67 -16.60
N PHE B 257 -17.92 6.63 -16.71
CA PHE B 257 -17.11 6.42 -17.89
C PHE B 257 -17.87 5.37 -18.70
N TYR B 258 -18.42 4.38 -17.99
CA TYR B 258 -19.22 3.31 -18.60
C TYR B 258 -20.38 3.95 -19.35
N ASN B 259 -20.94 4.99 -18.73
CA ASN B 259 -22.05 5.72 -19.32
C ASN B 259 -21.59 6.48 -20.55
N VAL B 260 -20.50 7.24 -20.43
CA VAL B 260 -20.01 7.99 -21.56
C VAL B 260 -19.88 7.09 -22.79
N LEU B 261 -19.57 5.82 -22.53
CA LEU B 261 -19.41 4.80 -23.56
C LEU B 261 -20.77 4.30 -24.07
N CYS B 262 -21.72 4.14 -23.13
CA CYS B 262 -23.07 3.69 -23.45
C CYS B 262 -23.73 4.64 -24.44
N SER B 263 -23.49 5.94 -24.28
CA SER B 263 -24.05 6.95 -25.18
C SER B 263 -23.29 6.98 -26.50
N GLY B 264 -22.58 5.88 -26.79
CA GLY B 264 -21.80 5.76 -28.00
C GLY B 264 -20.89 6.97 -28.29
N HIS B 265 -19.93 7.23 -27.41
CA HIS B 265 -19.07 8.37 -27.61
C HIS B 265 -17.81 8.11 -28.43
N LYS B 266 -17.61 8.97 -29.43
CA LYS B 266 -16.49 8.99 -30.38
C LYS B 266 -15.20 8.28 -29.96
N GLY B 267 -14.15 9.06 -29.72
CA GLY B 267 -12.85 8.51 -29.35
C GLY B 267 -12.38 8.73 -27.92
N THR B 268 -12.47 7.67 -27.14
CA THR B 268 -12.02 7.69 -25.74
C THR B 268 -10.67 7.00 -25.68
N LEU B 269 -9.88 7.35 -24.68
CA LEU B 269 -8.57 6.75 -24.54
C LEU B 269 -8.10 7.00 -23.13
N THR B 270 -7.81 5.91 -22.41
CA THR B 270 -7.39 6.04 -21.03
C THR B 270 -6.51 4.90 -20.55
N THR B 271 -5.85 5.13 -19.42
CA THR B 271 -4.98 4.14 -18.81
C THR B 271 -5.65 3.57 -17.56
N LEU B 272 -5.26 2.35 -17.21
CA LEU B 272 -5.82 1.65 -16.07
C LEU B 272 -4.81 0.62 -15.55
N HIS B 273 -4.78 0.42 -14.23
CA HIS B 273 -3.88 -0.59 -13.69
C HIS B 273 -4.59 -1.91 -13.80
N ALA B 274 -3.99 -2.86 -14.49
CA ALA B 274 -4.56 -4.18 -14.64
C ALA B 274 -3.48 -5.06 -15.23
N GLY B 275 -3.52 -6.33 -14.88
CA GLY B 275 -2.52 -7.25 -15.36
C GLY B 275 -2.81 -7.75 -16.75
N SER B 276 -4.07 -7.70 -17.17
CA SER B 276 -4.39 -8.18 -18.51
C SER B 276 -5.69 -7.66 -19.12
N SER B 277 -6.01 -8.19 -20.30
CA SER B 277 -7.20 -7.79 -21.02
C SER B 277 -8.38 -8.21 -20.18
N GLU B 278 -8.57 -9.52 -20.06
CA GLU B 278 -9.69 -10.05 -19.29
C GLU B 278 -9.81 -9.33 -17.94
N GLU B 279 -8.67 -9.09 -17.29
CA GLU B 279 -8.65 -8.41 -16.02
C GLU B 279 -9.21 -7.00 -16.16
N ALA B 280 -8.74 -6.26 -17.16
CA ALA B 280 -9.21 -4.91 -17.37
C ALA B 280 -10.74 -4.80 -17.34
N PHE B 281 -11.45 -5.77 -17.92
CA PHE B 281 -12.92 -5.69 -17.94
C PHE B 281 -13.54 -5.80 -16.54
N ILE B 282 -12.98 -6.68 -15.72
CA ILE B 282 -13.44 -6.90 -14.35
C ILE B 282 -13.05 -5.70 -13.48
N ARG B 283 -11.85 -5.20 -13.73
CA ARG B 283 -11.33 -4.04 -13.02
C ARG B 283 -12.39 -2.95 -13.20
N LEU B 284 -12.85 -2.79 -14.44
CA LEU B 284 -13.85 -1.79 -14.80
C LEU B 284 -15.19 -2.00 -14.10
N ALA B 285 -15.72 -3.22 -14.19
CA ALA B 285 -16.98 -3.59 -13.53
C ALA B 285 -16.87 -3.29 -12.04
N ASN B 286 -15.87 -3.87 -11.38
CA ASN B 286 -15.65 -3.64 -9.95
C ASN B 286 -15.81 -2.17 -9.61
N SER B 288 -16.92 0.47 -11.49
CA SER B 288 -18.22 1.05 -11.81
C SER B 288 -19.25 0.73 -10.73
N SER B 289 -19.26 -0.53 -10.29
CA SER B 289 -20.19 -1.03 -9.28
C SER B 289 -20.19 -0.21 -8.01
N SER B 290 -19.00 0.23 -7.61
CA SER B 290 -18.87 1.01 -6.39
C SER B 290 -19.64 2.32 -6.45
N ASN B 291 -20.15 2.67 -7.64
CA ASN B 291 -20.90 3.91 -7.74
C ASN B 291 -22.36 3.70 -7.40
N SER B 292 -22.91 4.64 -6.66
CA SER B 292 -24.30 4.56 -6.24
C SER B 292 -25.27 4.46 -7.40
N ALA B 293 -24.90 5.04 -8.53
CA ALA B 293 -25.76 5.03 -9.72
C ALA B 293 -25.90 3.62 -10.31
N ALA B 294 -24.90 2.78 -10.07
CA ALA B 294 -24.88 1.40 -10.57
C ALA B 294 -25.34 0.41 -9.50
N ARG B 295 -26.01 0.93 -8.48
CA ARG B 295 -26.51 0.12 -7.38
C ARG B 295 -27.55 -0.88 -7.82
N ASN B 296 -28.26 -0.61 -8.91
CA ASN B 296 -29.29 -1.54 -9.36
C ASN B 296 -28.97 -2.25 -10.66
N ILE B 297 -27.70 -2.35 -11.01
CA ILE B 297 -27.34 -3.01 -12.27
C ILE B 297 -26.49 -4.25 -12.02
N LYS B 298 -26.90 -5.37 -12.62
CA LYS B 298 -26.20 -6.64 -12.46
C LYS B 298 -24.69 -6.55 -12.75
N PHE B 299 -23.88 -7.08 -11.84
CA PHE B 299 -22.44 -7.04 -11.98
C PHE B 299 -21.91 -7.61 -13.30
N GLU B 300 -22.41 -8.78 -13.71
CA GLU B 300 -21.95 -9.36 -14.97
C GLU B 300 -22.39 -8.45 -16.12
N SER B 301 -23.47 -7.71 -15.90
CA SER B 301 -24.01 -6.79 -16.90
C SER B 301 -23.08 -5.61 -17.17
N LEU B 302 -22.22 -5.28 -16.21
CA LEU B 302 -21.26 -4.20 -16.37
C LEU B 302 -20.09 -4.74 -17.17
N ILE B 303 -19.61 -5.92 -16.79
CA ILE B 303 -18.51 -6.54 -17.51
C ILE B 303 -18.86 -6.64 -18.98
N GLU B 304 -20.03 -7.18 -19.28
CA GLU B 304 -20.44 -7.30 -20.67
C GLU B 304 -20.58 -5.92 -21.26
N GLY B 305 -20.80 -4.94 -20.38
CA GLY B 305 -20.96 -3.57 -20.83
C GLY B 305 -19.69 -3.06 -21.48
N PHE B 306 -18.58 -3.15 -20.76
CA PHE B 306 -17.31 -2.69 -21.27
C PHE B 306 -16.83 -3.56 -22.42
N LYS B 307 -17.19 -4.84 -22.38
CA LYS B 307 -16.79 -5.78 -23.41
C LYS B 307 -17.28 -5.37 -24.80
N ASP B 308 -18.44 -4.73 -24.86
CA ASP B 308 -19.00 -4.27 -26.14
C ASP B 308 -18.35 -2.95 -26.53
N LEU B 309 -18.23 -2.08 -25.53
CA LEU B 309 -17.71 -0.73 -25.74
C LEU B 309 -16.21 -0.56 -25.95
N ILE B 310 -15.38 -1.34 -25.29
CA ILE B 310 -13.94 -1.18 -25.47
C ILE B 310 -13.47 -1.91 -26.73
N ASP B 311 -13.06 -1.13 -27.74
CA ASP B 311 -12.63 -1.65 -29.03
C ASP B 311 -11.27 -2.32 -29.01
N ILE B 313 -7.64 -3.05 -26.28
CA ILE B 313 -6.84 -2.93 -25.06
C ILE B 313 -5.36 -3.34 -25.27
N VAL B 314 -4.48 -2.50 -24.79
CA VAL B 314 -3.02 -2.70 -24.87
C VAL B 314 -2.43 -2.91 -23.48
N HIS B 315 -1.80 -4.07 -23.24
CA HIS B 315 -1.21 -4.27 -21.93
C HIS B 315 0.31 -4.18 -22.05
N ILE B 316 0.95 -3.68 -20.99
CA ILE B 316 2.40 -3.52 -20.95
C ILE B 316 2.99 -4.19 -19.72
N ASN B 317 4.04 -4.97 -19.90
CA ASN B 317 4.66 -5.65 -18.77
C ASN B 317 5.72 -4.79 -18.07
N HIS B 318 6.31 -5.33 -16.99
CA HIS B 318 7.32 -4.60 -16.22
C HIS B 318 8.50 -4.18 -17.06
N HIS B 319 8.69 -4.83 -18.21
CA HIS B 319 9.80 -4.50 -19.10
C HIS B 319 9.42 -3.45 -20.15
N LYS B 320 8.36 -2.70 -19.87
CA LYS B 320 7.90 -1.66 -20.77
C LYS B 320 7.73 -2.15 -22.20
N GLN B 321 7.19 -3.37 -22.34
CA GLN B 321 6.92 -4.00 -23.65
C GLN B 321 5.51 -4.53 -23.74
N CYS B 322 4.86 -4.36 -24.87
CA CYS B 322 3.50 -4.86 -25.03
C CYS B 322 3.54 -6.38 -25.04
N ASP B 323 2.74 -7.02 -24.19
CA ASP B 323 2.70 -8.48 -24.13
C ASP B 323 1.29 -9.04 -24.36
N GLU B 324 0.42 -8.20 -24.91
CA GLU B 324 -0.97 -8.52 -25.23
C GLU B 324 -1.64 -7.32 -25.88
N PHE B 325 -2.24 -7.56 -27.04
CA PHE B 325 -2.92 -6.52 -27.80
C PHE B 325 -4.36 -6.98 -28.12
N TYR B 326 -5.30 -6.67 -27.22
CA TYR B 326 -6.70 -7.07 -27.41
C TYR B 326 -7.40 -6.23 -28.47
N ILE B 327 -8.23 -6.87 -29.31
CA ILE B 327 -8.94 -6.13 -30.34
C ILE B 327 -10.37 -6.62 -30.54
N LYS B 328 -11.20 -5.82 -31.18
CA LYS B 328 -12.61 -6.15 -31.45
C LYS B 328 -13.39 -6.56 -30.19
#